data_5K55
#
_entry.id   5K55
#
_cell.length_a   72.317
_cell.length_b   72.317
_cell.length_c   231.070
_cell.angle_alpha   90.00
_cell.angle_beta   90.00
_cell.angle_gamma   90.00
#
_symmetry.space_group_name_H-M   'I 41 2 2'
#
loop_
_entity.id
_entity.type
_entity.pdbx_description
1 polymer 'Fructose-1,6-bisphosphatase isozyme 2'
2 non-polymer 6-O-phosphono-beta-D-fructofuranose
3 water water
#
_entity_poly.entity_id   1
_entity_poly.type   'polypeptide(L)'
_entity_poly.pdbx_seq_one_letter_code
;TDRSPFETDMLTLTRYVMEKGRQAKGTGELTQLLNSMLTAIKAISSAVRKAGLAHLYGIAGSVNVTGDQVKKLDVLSNSL
VINMLQSSYSTCVLVSEENKDAIITAKEKRGKYVVCFDPLDGSSNIDCLASIGTIFAIYRKTSEDEPSEKDALQCGRNIV
AAGYALYGSATLVALSTGQGVDLFMLDPALGEFVLVEKDVKIKKKGKIYSLNEGYAKYFDAATTEYVQKKKFPEDGSAPY
GARYVGSMVADVHRTLVYGGIFLYPANQKSPKGKLRLLYECNPVAYIIEQAGGLATTGTQPVLDVKPEAIHQRVPLILGS
PEDVQEYLTCVQKNQAGS
;
_entity_poly.pdbx_strand_id   A
#
loop_
_chem_comp.id
_chem_comp.type
_chem_comp.name
_chem_comp.formula
F6P D-saccharide, beta linking 6-O-phosphono-beta-D-fructofuranose 'C6 H13 O9 P'
#
# COMPACT_ATOMS: atom_id res chain seq x y z
N ASP A 9 -31.83 -1.92 -15.48
CA ASP A 9 -31.63 -2.35 -14.09
C ASP A 9 -31.27 -3.84 -14.01
N MET A 10 -30.87 -4.42 -15.12
CA MET A 10 -30.50 -5.82 -15.16
C MET A 10 -29.05 -5.88 -15.59
N LEU A 11 -28.31 -6.84 -15.02
CA LEU A 11 -26.89 -7.03 -15.33
C LEU A 11 -26.52 -8.49 -15.65
N THR A 12 -25.46 -8.69 -16.41
CA THR A 12 -24.79 -9.99 -16.50
C THR A 12 -23.41 -9.88 -15.92
N LEU A 13 -22.97 -10.98 -15.33
CA LEU A 13 -21.71 -11.05 -14.63
C LEU A 13 -20.82 -11.92 -15.44
N THR A 14 -19.56 -11.56 -15.47
CA THR A 14 -18.55 -12.31 -16.20
C THR A 14 -17.32 -12.39 -15.34
N ARG A 15 -16.67 -13.55 -15.32
CA ARG A 15 -15.44 -13.74 -14.52
C ARG A 15 -14.33 -12.90 -15.14
N TYR A 16 -13.52 -12.31 -14.29
CA TYR A 16 -12.44 -11.43 -14.74
C TYR A 16 -11.08 -12.04 -14.37
N VAL A 17 -10.07 -11.86 -15.24
CA VAL A 17 -8.69 -12.34 -14.96
C VAL A 17 -7.52 -11.39 -15.31
N MET A 18 -6.41 -11.50 -14.56
CA MET A 18 -5.20 -10.67 -14.76
C MET A 18 -3.90 -11.48 -15.03
N GLY A 28 -1.34 -19.29 -12.37
CA GLY A 28 -1.99 -20.51 -11.92
C GLY A 28 -2.15 -20.57 -10.40
N GLU A 29 -1.08 -20.95 -9.71
CA GLU A 29 -1.08 -20.84 -8.27
C GLU A 29 -1.31 -19.37 -7.93
N LEU A 30 -0.93 -18.48 -8.83
CA LEU A 30 -1.09 -17.07 -8.52
C LEU A 30 -2.58 -16.75 -8.39
N THR A 31 -3.39 -17.25 -9.32
CA THR A 31 -4.82 -16.96 -9.28
C THR A 31 -5.53 -17.47 -8.01
N GLN A 32 -5.18 -18.70 -7.58
CA GLN A 32 -5.69 -19.29 -6.31
C GLN A 32 -5.29 -18.46 -5.10
N LEU A 33 -4.04 -17.98 -5.12
CA LEU A 33 -3.57 -17.13 -4.03
C LEU A 33 -4.32 -15.82 -3.96
N LEU A 34 -4.40 -15.07 -5.08
CA LEU A 34 -5.21 -13.85 -5.09
C LEU A 34 -6.65 -14.04 -4.67
N ASN A 35 -7.27 -15.16 -5.06
CA ASN A 35 -8.65 -15.45 -4.65
C ASN A 35 -8.74 -15.61 -3.15
N SER A 36 -7.72 -16.24 -2.57
CA SER A 36 -7.78 -16.48 -1.14
C SER A 36 -7.48 -15.15 -0.37
N MET A 37 -6.61 -14.31 -0.91
CA MET A 37 -6.35 -13.02 -0.27
C MET A 37 -7.60 -12.17 -0.32
N LEU A 38 -8.32 -12.21 -1.43
CA LEU A 38 -9.60 -11.50 -1.55
C LEU A 38 -10.67 -12.04 -0.65
N THR A 39 -10.67 -13.36 -0.46
CA THR A 39 -11.62 -14.00 0.42
C THR A 39 -11.34 -13.56 1.86
N ALA A 40 -10.07 -13.40 2.21
CA ALA A 40 -9.76 -12.90 3.56
C ALA A 40 -10.19 -11.45 3.70
N ILE A 41 -10.05 -10.68 2.62
CA ILE A 41 -10.43 -9.26 2.62
C ILE A 41 -11.93 -9.10 2.82
N LYS A 42 -12.70 -9.98 2.19
CA LYS A 42 -14.15 -9.99 2.34
C LYS A 42 -14.52 -10.27 3.81
N ALA A 43 -13.85 -11.20 4.46
CA ALA A 43 -14.12 -11.49 5.84
C ALA A 43 -13.72 -10.35 6.75
N ILE A 44 -12.61 -9.69 6.44
CA ILE A 44 -12.17 -8.58 7.26
C ILE A 44 -13.11 -7.42 7.11
N SER A 45 -13.57 -7.18 5.89
CA SER A 45 -14.54 -6.13 5.65
C SER A 45 -15.74 -6.34 6.51
N SER A 46 -16.17 -7.58 6.61
CA SER A 46 -17.40 -7.85 7.35
C SER A 46 -17.21 -7.64 8.85
N ALA A 47 -16.02 -8.00 9.35
CA ALA A 47 -15.65 -7.78 10.75
C ALA A 47 -15.53 -6.29 11.03
N VAL A 48 -14.91 -5.54 10.12
CA VAL A 48 -14.76 -4.12 10.39
C VAL A 48 -16.11 -3.39 10.47
N ARG A 49 -17.00 -3.76 9.58
CA ARG A 49 -18.31 -3.14 9.53
C ARG A 49 -19.06 -3.33 10.84
N LYS A 50 -18.75 -4.37 11.62
CA LYS A 50 -19.51 -4.77 12.80
C LYS A 50 -18.95 -4.20 14.07
N ALA A 51 -17.82 -3.52 13.98
CA ALA A 51 -16.99 -3.26 15.14
C ALA A 51 -17.50 -2.21 16.16
N VAL A 70 -9.99 -3.22 19.68
CA VAL A 70 -9.09 -2.96 18.57
C VAL A 70 -8.17 -4.10 18.39
N LYS A 71 -7.61 -4.47 19.52
CA LYS A 71 -6.57 -5.47 19.54
C LYS A 71 -7.18 -6.75 19.03
N LYS A 72 -8.43 -6.99 19.39
CA LYS A 72 -9.13 -8.19 18.93
C LYS A 72 -9.28 -8.23 17.40
N LEU A 73 -9.54 -7.08 16.78
CA LEU A 73 -9.69 -7.03 15.33
C LEU A 73 -8.39 -7.31 14.61
N ASP A 74 -7.31 -6.79 15.16
CA ASP A 74 -5.98 -7.07 14.67
C ASP A 74 -5.71 -8.57 14.66
N VAL A 75 -5.99 -9.23 15.78
CA VAL A 75 -5.75 -10.65 15.88
C VAL A 75 -6.60 -11.44 14.85
N LEU A 76 -7.89 -11.17 14.79
CA LEU A 76 -8.79 -11.82 13.85
C LEU A 76 -8.34 -11.66 12.43
N SER A 77 -8.09 -10.40 12.07
CA SER A 77 -7.64 -10.09 10.73
C SER A 77 -6.43 -10.88 10.36
N ASN A 78 -5.48 -10.95 11.27
CA ASN A 78 -4.25 -11.68 11.02
C ASN A 78 -4.52 -13.17 10.78
N SER A 79 -5.38 -13.76 11.61
CA SER A 79 -5.77 -15.16 11.52
C SER A 79 -6.41 -15.49 10.18
N LEU A 80 -7.30 -14.61 9.73
CA LEU A 80 -8.00 -14.83 8.50
C LEU A 80 -6.99 -14.83 7.37
N VAL A 81 -6.10 -13.84 7.33
CA VAL A 81 -5.16 -13.76 6.23
C VAL A 81 -4.26 -14.99 6.22
N ILE A 82 -3.61 -15.26 7.34
CA ILE A 82 -2.69 -16.38 7.42
C ILE A 82 -3.37 -17.70 7.03
N ASN A 83 -4.56 -17.94 7.55
CA ASN A 83 -5.14 -19.23 7.31
C ASN A 83 -5.69 -19.33 5.89
N MET A 84 -6.33 -18.30 5.39
CA MET A 84 -6.81 -18.37 4.01
C MET A 84 -5.59 -18.51 3.06
N LEU A 85 -4.47 -17.84 3.36
CA LEU A 85 -3.34 -17.86 2.47
C LEU A 85 -2.73 -19.24 2.52
N GLN A 86 -2.59 -19.78 3.72
CA GLN A 86 -1.98 -21.11 3.84
C GLN A 86 -2.78 -22.19 3.15
N SER A 87 -4.10 -22.12 3.19
CA SER A 87 -4.84 -23.24 2.62
C SER A 87 -5.13 -23.00 1.12
N SER A 88 -4.53 -21.94 0.55
CA SER A 88 -4.49 -21.76 -0.91
C SER A 88 -3.56 -22.77 -1.58
N TYR A 89 -2.69 -23.38 -0.79
CA TYR A 89 -1.66 -24.30 -1.30
C TYR A 89 -0.75 -23.61 -2.30
N SER A 90 -0.57 -22.31 -2.14
CA SER A 90 0.23 -21.54 -3.08
C SER A 90 1.38 -20.82 -2.40
N THR A 91 1.45 -20.91 -1.08
CA THR A 91 2.41 -20.10 -0.32
C THR A 91 3.45 -20.98 0.31
N CYS A 92 4.62 -20.39 0.58
CA CYS A 92 5.70 -21.06 1.30
C CYS A 92 6.19 -20.20 2.49
N VAL A 93 6.08 -18.86 2.40
CA VAL A 93 6.53 -17.97 3.46
C VAL A 93 5.66 -16.72 3.60
N LEU A 94 5.19 -16.41 4.79
CA LEU A 94 4.41 -15.17 5.01
C LEU A 94 5.11 -14.26 5.94
N VAL A 95 5.02 -12.95 5.67
CA VAL A 95 5.42 -11.99 6.65
C VAL A 95 4.23 -11.15 6.98
N SER A 96 3.93 -11.06 8.27
CA SER A 96 2.82 -10.23 8.76
C SER A 96 3.30 -9.12 9.66
N GLU A 97 2.75 -7.94 9.49
CA GLU A 97 2.94 -6.85 10.43
C GLU A 97 2.73 -7.30 11.89
N GLU A 98 1.81 -8.25 12.09
CA GLU A 98 1.43 -8.69 13.45
C GLU A 98 2.37 -9.71 14.14
N ASN A 99 3.33 -10.25 13.39
CA ASN A 99 4.12 -11.41 13.84
C ASN A 99 5.58 -11.05 13.74
N LYS A 100 6.33 -11.30 14.81
CA LYS A 100 7.76 -10.96 14.85
C LYS A 100 8.57 -11.67 13.76
N ASP A 101 8.39 -12.98 13.62
CA ASP A 101 9.15 -13.76 12.65
C ASP A 101 8.31 -14.18 11.42
N ALA A 102 9.00 -14.51 10.33
CA ALA A 102 8.34 -14.98 9.13
C ALA A 102 7.62 -16.30 9.44
N ILE A 103 6.45 -16.52 8.85
CA ILE A 103 5.69 -17.75 9.01
C ILE A 103 5.91 -18.70 7.84
N ILE A 104 6.34 -19.91 8.16
CA ILE A 104 6.65 -20.90 7.15
C ILE A 104 5.48 -21.86 7.02
N THR A 105 5.01 -21.97 5.80
CA THR A 105 3.95 -22.90 5.47
C THR A 105 4.33 -24.36 5.67
N ALA A 106 3.48 -25.07 6.37
CA ALA A 106 3.58 -26.53 6.47
C ALA A 106 3.87 -27.14 5.12
N LYS A 107 4.83 -28.05 5.09
CA LYS A 107 5.32 -28.67 3.86
C LYS A 107 4.20 -29.26 3.00
N GLU A 108 3.12 -29.70 3.64
CA GLU A 108 1.95 -30.21 2.96
C GLU A 108 1.33 -29.22 1.99
N LYS A 109 1.22 -27.98 2.46
CA LYS A 109 0.48 -26.96 1.75
C LYS A 109 1.39 -26.05 0.94
N ARG A 110 2.68 -26.36 0.81
CA ARG A 110 3.61 -25.39 0.25
C ARG A 110 3.43 -25.19 -1.25
N GLY A 111 3.56 -23.93 -1.68
CA GLY A 111 3.58 -23.55 -3.08
C GLY A 111 4.72 -22.56 -3.35
N LYS A 112 4.63 -21.82 -4.46
CA LYS A 112 5.75 -21.02 -5.00
C LYS A 112 5.89 -19.62 -4.40
N TYR A 113 4.83 -19.09 -3.81
CA TYR A 113 4.77 -17.67 -3.56
C TYR A 113 5.01 -17.26 -2.07
N VAL A 114 5.48 -16.03 -1.94
CA VAL A 114 5.81 -15.38 -0.66
C VAL A 114 4.87 -14.18 -0.54
N VAL A 115 4.24 -13.98 0.63
CA VAL A 115 3.31 -12.88 0.79
C VAL A 115 3.68 -12.05 2.02
N CYS A 116 3.85 -10.77 1.80
CA CYS A 116 4.11 -9.82 2.88
C CYS A 116 2.86 -8.98 3.01
N PHE A 117 2.27 -8.92 4.18
CA PHE A 117 1.01 -8.21 4.37
C PHE A 117 0.86 -7.51 5.70
N ASP A 118 0.07 -6.43 5.67
CA ASP A 118 -0.40 -5.72 6.85
C ASP A 118 -1.92 -5.96 6.95
N PRO A 119 -2.35 -6.84 7.86
CA PRO A 119 -3.73 -7.32 7.79
C PRO A 119 -4.76 -6.24 8.08
N LEU A 120 -4.36 -5.31 8.93
CA LEU A 120 -5.29 -4.25 9.33
C LEU A 120 -4.51 -3.03 9.74
N ASP A 121 -4.41 -2.10 8.81
CA ASP A 121 -3.58 -0.91 8.95
C ASP A 121 -4.49 0.25 9.34
N GLY A 122 -4.16 0.95 10.40
CA GLY A 122 -5.05 1.94 10.96
C GLY A 122 -5.76 1.40 12.19
N ASP A 127 -11.21 3.59 14.61
CA ASP A 127 -12.36 3.77 15.54
C ASP A 127 -13.24 5.00 15.23
N CYS A 128 -12.66 6.03 14.63
CA CYS A 128 -13.41 7.22 14.27
C CYS A 128 -13.99 7.08 12.88
N LEU A 129 -14.20 5.83 12.46
CA LEU A 129 -14.63 5.47 11.10
C LEU A 129 -13.71 5.87 9.96
N ALA A 130 -12.57 6.48 10.30
CA ALA A 130 -11.53 6.71 9.33
C ALA A 130 -11.33 5.40 8.57
N SER A 131 -11.22 5.45 7.26
CA SER A 131 -11.16 4.25 6.53
C SER A 131 -9.80 3.59 6.83
N ILE A 132 -9.84 2.40 7.35
CA ILE A 132 -8.66 1.60 7.57
C ILE A 132 -8.48 0.56 6.43
N GLY A 133 -7.35 -0.16 6.39
CA GLY A 133 -7.07 -1.02 5.25
C GLY A 133 -6.21 -2.23 5.50
N THR A 134 -6.07 -3.03 4.43
CA THR A 134 -5.26 -4.23 4.36
C THR A 134 -4.30 -4.04 3.16
N ILE A 135 -3.01 -4.33 3.33
CA ILE A 135 -1.98 -4.10 2.28
C ILE A 135 -1.18 -5.40 2.05
N PHE A 136 -0.90 -5.76 0.80
CA PHE A 136 -0.14 -7.02 0.60
C PHE A 136 0.69 -6.98 -0.65
N ALA A 137 1.82 -7.64 -0.60
CA ALA A 137 2.66 -7.83 -1.81
C ALA A 137 3.05 -9.28 -1.93
N ILE A 138 3.13 -9.76 -3.17
CA ILE A 138 3.35 -11.16 -3.42
C ILE A 138 4.67 -11.25 -4.21
N TYR A 139 5.54 -12.18 -3.79
CA TYR A 139 6.77 -12.51 -4.50
C TYR A 139 6.78 -14.00 -4.82
N ARG A 140 7.63 -14.38 -5.76
CA ARG A 140 7.97 -15.81 -6.03
C ARG A 140 9.19 -16.21 -5.19
N LYS A 141 9.26 -17.43 -4.63
CA LYS A 141 10.36 -17.86 -3.72
C LYS A 141 11.75 -17.80 -4.39
N THR A 142 12.79 -17.65 -3.56
CA THR A 142 14.20 -17.82 -3.97
C THR A 142 14.92 -18.98 -3.26
N SER A 148 12.86 -20.22 3.67
CA SER A 148 13.54 -19.28 4.60
C SER A 148 13.02 -17.81 4.58
N GLU A 149 13.41 -17.02 5.57
CA GLU A 149 13.10 -15.59 5.62
C GLU A 149 13.61 -14.86 4.38
N LYS A 150 14.78 -15.32 3.93
CA LYS A 150 15.45 -14.90 2.68
C LYS A 150 14.46 -14.55 1.60
N ASP A 151 13.54 -15.47 1.38
CA ASP A 151 12.58 -15.29 0.32
C ASP A 151 11.73 -14.09 0.49
N ALA A 152 11.60 -13.57 1.72
CA ALA A 152 10.73 -12.37 1.96
C ALA A 152 11.51 -11.10 1.91
N LEU A 153 12.82 -11.19 1.72
CA LEU A 153 13.67 -10.01 1.72
C LEU A 153 14.07 -9.58 0.32
N GLN A 154 13.17 -9.62 -0.65
CA GLN A 154 13.54 -9.26 -2.02
C GLN A 154 13.27 -7.76 -2.29
N CYS A 155 13.98 -7.15 -3.25
CA CYS A 155 13.67 -5.79 -3.79
C CYS A 155 12.18 -5.74 -4.23
N GLY A 156 11.50 -4.64 -3.97
CA GLY A 156 10.16 -4.41 -4.48
C GLY A 156 10.02 -4.67 -5.96
N ARG A 157 11.12 -4.47 -6.69
CA ARG A 157 11.22 -4.71 -8.12
C ARG A 157 10.82 -6.14 -8.50
N ASN A 158 10.94 -7.05 -7.53
CA ASN A 158 10.63 -8.46 -7.78
C ASN A 158 9.14 -8.79 -7.55
N ILE A 159 8.33 -7.82 -7.14
CA ILE A 159 6.91 -8.10 -6.86
C ILE A 159 6.16 -8.75 -8.07
N VAL A 160 5.30 -9.77 -7.81
CA VAL A 160 4.51 -10.36 -8.91
C VAL A 160 3.09 -9.80 -8.89
N ALA A 161 2.61 -9.45 -7.71
CA ALA A 161 1.31 -8.85 -7.56
C ALA A 161 1.27 -8.08 -6.26
N ALA A 162 0.42 -7.06 -6.22
CA ALA A 162 0.22 -6.36 -4.95
C ALA A 162 -1.06 -5.60 -4.99
N GLY A 163 -1.49 -5.22 -3.80
CA GLY A 163 -2.76 -4.52 -3.69
C GLY A 163 -2.97 -3.93 -2.31
N TYR A 164 -4.07 -3.21 -2.22
CA TYR A 164 -4.62 -2.82 -0.94
C TYR A 164 -6.13 -2.87 -1.01
N ALA A 165 -6.70 -3.00 0.14
CA ALA A 165 -8.13 -2.83 0.37
C ALA A 165 -8.35 -1.68 1.33
N LEU A 166 -9.36 -0.90 1.04
CA LEU A 166 -9.81 0.21 1.89
C LEU A 166 -11.21 -0.05 2.33
N TYR A 167 -11.44 -0.06 3.65
CA TYR A 167 -12.77 -0.37 4.23
C TYR A 167 -13.51 0.94 4.52
N GLY A 168 -14.13 1.47 3.48
CA GLY A 168 -14.97 2.65 3.59
C GLY A 168 -16.46 2.33 3.53
N SER A 169 -17.23 3.34 3.08
CA SER A 169 -18.63 3.15 2.79
C SER A 169 -18.78 2.01 1.86
N ALA A 170 -17.84 1.89 0.93
CA ALA A 170 -17.66 0.65 0.20
C ALA A 170 -16.27 0.12 0.44
N THR A 171 -16.10 -1.19 0.29
CA THR A 171 -14.80 -1.84 0.42
C THR A 171 -14.20 -1.92 -0.98
N LEU A 172 -13.14 -1.17 -1.17
CA LEU A 172 -12.48 -1.10 -2.46
C LEU A 172 -11.12 -1.78 -2.44
N VAL A 173 -10.78 -2.44 -3.55
CA VAL A 173 -9.50 -3.08 -3.69
C VAL A 173 -8.82 -2.48 -4.91
N ALA A 174 -7.59 -2.00 -4.75
CA ALA A 174 -6.71 -1.78 -5.86
C ALA A 174 -5.71 -2.94 -6.02
N LEU A 175 -5.59 -3.43 -7.25
CA LEU A 175 -4.76 -4.58 -7.52
C LEU A 175 -3.93 -4.40 -8.81
N SER A 176 -2.70 -4.94 -8.81
CA SER A 176 -1.89 -4.97 -10.03
C SER A 176 -1.13 -6.26 -10.06
N THR A 177 -1.05 -6.86 -11.23
CA THR A 177 -0.14 -7.99 -11.50
C THR A 177 0.91 -7.59 -12.50
N GLY A 178 1.17 -6.29 -12.59
CA GLY A 178 2.24 -5.79 -13.40
C GLY A 178 1.82 -5.21 -14.76
N GLN A 179 0.51 -5.17 -15.01
CA GLN A 179 0.02 -4.69 -16.32
C GLN A 179 -1.02 -3.59 -16.01
N GLY A 180 -0.70 -2.79 -15.01
CA GLY A 180 -1.49 -1.64 -14.64
C GLY A 180 -2.29 -1.92 -13.36
N VAL A 181 -3.08 -0.95 -12.92
CA VAL A 181 -3.85 -1.03 -11.72
C VAL A 181 -5.33 -1.09 -12.04
N ASP A 182 -6.00 -2.03 -11.42
CA ASP A 182 -7.43 -2.22 -11.58
C ASP A 182 -8.07 -1.98 -10.21
N LEU A 183 -9.24 -1.34 -10.22
CA LEU A 183 -9.98 -1.03 -9.02
C LEU A 183 -11.24 -1.85 -8.97
N PHE A 184 -11.51 -2.41 -7.78
CA PHE A 184 -12.64 -3.33 -7.57
C PHE A 184 -13.45 -2.92 -6.39
N MET A 185 -14.74 -3.16 -6.46
CA MET A 185 -15.62 -2.93 -5.32
C MET A 185 -16.05 -4.26 -4.76
N LEU A 186 -15.99 -4.48 -3.45
CA LEU A 186 -16.63 -5.67 -2.85
C LEU A 186 -18.12 -5.60 -2.90
N ASP A 187 -18.73 -6.63 -3.48
CA ASP A 187 -20.18 -6.80 -3.47
C ASP A 187 -20.48 -7.89 -2.42
N PRO A 188 -20.82 -7.48 -1.20
CA PRO A 188 -20.85 -8.51 -0.15
C PRO A 188 -22.05 -9.43 -0.30
N ALA A 189 -23.01 -9.05 -1.15
CA ALA A 189 -24.19 -9.90 -1.47
C ALA A 189 -23.79 -11.04 -2.39
N LEU A 190 -22.95 -10.75 -3.38
CA LEU A 190 -22.46 -11.81 -4.26
C LEU A 190 -21.32 -12.56 -3.61
N GLY A 191 -20.64 -11.89 -2.66
CA GLY A 191 -19.38 -12.35 -2.10
C GLY A 191 -18.21 -12.24 -3.07
N GLU A 192 -18.21 -11.21 -3.91
CA GLU A 192 -17.30 -11.13 -5.06
C GLU A 192 -16.84 -9.69 -5.26
N PHE A 193 -15.70 -9.51 -5.91
CA PHE A 193 -15.15 -8.20 -6.16
C PHE A 193 -15.48 -7.79 -7.58
N VAL A 194 -16.10 -6.62 -7.74
CA VAL A 194 -16.54 -6.16 -9.05
C VAL A 194 -15.58 -5.11 -9.61
N LEU A 195 -15.14 -5.33 -10.84
CA LEU A 195 -14.27 -4.33 -11.53
C LEU A 195 -15.00 -3.02 -11.71
N VAL A 196 -14.43 -1.92 -11.27
CA VAL A 196 -15.07 -0.62 -11.45
C VAL A 196 -14.20 0.36 -12.25
N GLU A 197 -12.87 0.17 -12.32
CA GLU A 197 -12.08 0.91 -13.30
C GLU A 197 -10.88 0.07 -13.72
N LYS A 198 -10.58 0.02 -15.01
CA LYS A 198 -9.39 -0.65 -15.56
C LYS A 198 -8.21 0.32 -15.65
N ASP A 199 -6.99 -0.12 -15.38
CA ASP A 199 -5.77 0.62 -15.79
C ASP A 199 -5.82 2.07 -15.26
N VAL A 200 -5.97 2.20 -13.95
CA VAL A 200 -6.09 3.52 -13.34
C VAL A 200 -4.80 4.27 -13.50
N LYS A 201 -4.89 5.54 -13.87
CA LYS A 201 -3.70 6.35 -14.11
C LYS A 201 -3.78 7.55 -13.16
N ILE A 202 -2.66 7.86 -12.48
CA ILE A 202 -2.59 9.05 -11.62
C ILE A 202 -2.25 10.24 -12.47
N LYS A 203 -2.72 11.43 -12.07
CA LYS A 203 -2.37 12.68 -12.76
C LYS A 203 -0.87 12.94 -12.74
N LYS A 204 -0.35 13.55 -13.80
CA LYS A 204 1.06 13.92 -13.89
C LYS A 204 1.47 14.84 -12.75
N LYS A 205 0.56 15.74 -12.41
CA LYS A 205 0.79 16.73 -11.37
C LYS A 205 -0.54 17.06 -10.69
N GLY A 206 -0.49 17.09 -9.37
CA GLY A 206 -1.69 17.29 -8.58
C GLY A 206 -1.71 18.62 -7.85
N LYS A 207 -2.67 18.78 -6.94
CA LYS A 207 -2.83 20.02 -6.21
C LYS A 207 -3.14 19.76 -4.71
N ILE A 208 -2.77 18.56 -4.24
CA ILE A 208 -2.93 18.18 -2.83
C ILE A 208 -1.61 17.71 -2.30
N TYR A 209 -1.23 18.17 -1.12
CA TYR A 209 -0.11 17.57 -0.40
C TYR A 209 -0.57 17.02 0.94
N SER A 210 0.02 15.90 1.32
CA SER A 210 -0.51 15.10 2.43
C SER A 210 0.61 14.55 3.32
N LEU A 211 0.74 15.20 4.48
CA LEU A 211 1.66 14.73 5.53
C LEU A 211 1.26 15.30 6.86
N ASN A 212 1.72 14.65 7.93
CA ASN A 212 1.49 15.10 9.30
C ASN A 212 2.38 16.33 9.59
N GLU A 213 1.85 17.55 9.44
CA GLU A 213 2.66 18.75 9.71
C GLU A 213 2.87 18.98 11.19
N GLY A 214 2.26 18.15 12.03
CA GLY A 214 2.55 18.23 13.45
C GLY A 214 3.99 17.85 13.75
N TYR A 215 4.70 17.27 12.78
CA TYR A 215 6.10 16.93 12.97
C TYR A 215 7.04 18.01 12.46
N ALA A 216 6.49 19.16 12.13
CA ALA A 216 7.29 20.22 11.55
C ALA A 216 8.60 20.47 12.31
N LYS A 217 8.59 20.40 13.64
CA LYS A 217 9.82 20.79 14.37
C LYS A 217 10.91 19.70 14.19
N TYR A 218 10.56 18.55 13.60
CA TYR A 218 11.47 17.43 13.39
C TYR A 218 11.87 17.17 11.93
N PHE A 219 11.25 17.93 11.02
CA PHE A 219 11.42 17.74 9.60
C PHE A 219 12.89 17.97 9.25
N ASP A 220 13.32 17.33 8.19
CA ASP A 220 14.67 17.61 7.67
C ASP A 220 14.51 18.84 6.78
N ALA A 221 15.61 19.42 6.35
CA ALA A 221 15.54 20.69 5.63
C ALA A 221 14.74 20.55 4.32
N ALA A 222 14.88 19.41 3.63
CA ALA A 222 14.24 19.32 2.32
C ALA A 222 12.72 19.25 2.49
N THR A 223 12.25 18.60 3.55
CA THR A 223 10.81 18.50 3.75
C THR A 223 10.29 19.93 4.10
N THR A 224 10.98 20.62 4.97
CA THR A 224 10.61 21.99 5.32
C THR A 224 10.49 22.86 4.08
N GLU A 225 11.47 22.76 3.18
CA GLU A 225 11.46 23.61 1.99
C GLU A 225 10.29 23.23 1.11
N TYR A 226 10.05 21.95 0.96
CA TYR A 226 9.00 21.51 0.04
C TYR A 226 7.62 21.98 0.54
N VAL A 227 7.37 21.76 1.82
CA VAL A 227 6.11 22.20 2.40
C VAL A 227 5.90 23.70 2.22
N GLN A 228 6.96 24.48 2.51
CA GLN A 228 6.95 25.92 2.32
C GLN A 228 6.56 26.29 0.86
N LYS A 229 7.09 25.58 -0.13
CA LYS A 229 6.76 25.84 -1.53
C LYS A 229 5.29 25.48 -1.85
N LYS A 230 4.70 24.52 -1.15
CA LYS A 230 3.31 24.14 -1.44
C LYS A 230 2.37 25.22 -0.94
N LYS A 231 2.72 25.85 0.18
CA LYS A 231 1.90 26.87 0.79
C LYS A 231 2.18 28.28 0.27
N PHE A 232 3.44 28.48 -0.12
CA PHE A 232 3.94 29.78 -0.66
C PHE A 232 4.61 29.59 -2.03
N PRO A 233 3.81 29.26 -3.04
CA PRO A 233 4.40 29.00 -4.36
C PRO A 233 5.16 30.23 -4.80
N GLU A 234 6.33 30.01 -5.36
CA GLU A 234 7.18 31.15 -5.74
C GLU A 234 6.95 31.53 -7.21
N ASP A 235 5.96 30.90 -7.83
CA ASP A 235 5.70 31.04 -9.27
C ASP A 235 4.36 31.68 -9.61
N GLY A 236 3.70 32.31 -8.65
CA GLY A 236 2.44 32.99 -8.94
C GLY A 236 1.22 32.06 -8.97
N SER A 237 1.44 30.77 -8.74
CA SER A 237 0.34 29.78 -8.71
C SER A 237 -0.36 29.69 -7.33
N ALA A 238 -1.54 29.09 -7.25
CA ALA A 238 -2.23 29.02 -5.97
C ALA A 238 -1.65 27.96 -5.04
N PRO A 239 -1.75 28.16 -3.72
CA PRO A 239 -1.25 27.10 -2.85
C PRO A 239 -1.93 25.75 -3.07
N TYR A 240 -1.25 24.66 -2.76
CA TYR A 240 -1.86 23.35 -2.78
C TYR A 240 -2.87 23.25 -1.62
N GLY A 241 -3.91 22.45 -1.77
CA GLY A 241 -4.68 22.05 -0.61
C GLY A 241 -3.98 20.96 0.22
N ALA A 242 -4.30 20.92 1.51
CA ALA A 242 -3.72 19.94 2.40
C ALA A 242 -4.81 18.94 2.83
N ARG A 243 -4.45 17.67 2.86
CA ARG A 243 -5.29 16.56 3.32
C ARG A 243 -4.38 15.55 4.02
N TYR A 244 -4.81 15.04 5.17
CA TYR A 244 -4.12 13.98 5.91
C TYR A 244 -5.08 13.25 6.82
N VAL A 245 -5.56 12.10 6.36
CA VAL A 245 -6.49 11.29 7.13
C VAL A 245 -5.76 10.63 8.31
N GLY A 246 -4.48 10.34 8.11
CA GLY A 246 -3.67 9.66 9.11
C GLY A 246 -3.85 8.13 9.11
N SER A 247 -4.44 7.62 8.04
CA SER A 247 -4.49 6.20 7.74
C SER A 247 -3.88 6.01 6.37
N MET A 248 -2.77 5.27 6.27
CA MET A 248 -2.02 5.28 5.02
C MET A 248 -2.80 4.87 3.76
N VAL A 249 -3.61 3.83 3.90
CA VAL A 249 -4.33 3.37 2.73
C VAL A 249 -5.30 4.44 2.26
N ALA A 250 -5.96 5.14 3.19
CA ALA A 250 -6.88 6.22 2.84
C ALA A 250 -6.16 7.34 2.13
N ASP A 251 -5.01 7.73 2.66
CA ASP A 251 -4.23 8.84 2.08
C ASP A 251 -3.63 8.44 0.71
N VAL A 252 -3.14 7.22 0.62
CA VAL A 252 -2.56 6.76 -0.66
C VAL A 252 -3.66 6.65 -1.72
N HIS A 253 -4.78 6.06 -1.35
CA HIS A 253 -5.88 5.94 -2.32
C HIS A 253 -6.37 7.29 -2.81
N ARG A 254 -6.50 8.28 -1.93
CA ARG A 254 -6.89 9.60 -2.38
C ARG A 254 -5.85 10.12 -3.36
N THR A 255 -4.59 9.86 -3.03
CA THR A 255 -3.51 10.38 -3.86
C THR A 255 -3.63 9.73 -5.27
N LEU A 256 -3.89 8.45 -5.33
CA LEU A 256 -4.07 7.80 -6.66
C LEU A 256 -5.24 8.40 -7.43
N VAL A 257 -6.41 8.64 -6.79
CA VAL A 257 -7.56 9.01 -7.65
C VAL A 257 -7.66 10.50 -7.85
N TYR A 258 -7.12 11.32 -6.95
CA TYR A 258 -7.16 12.78 -7.14
C TYR A 258 -5.81 13.40 -7.57
N GLY A 259 -4.72 12.67 -7.38
CA GLY A 259 -3.39 13.20 -7.71
C GLY A 259 -2.82 13.97 -6.53
N GLY A 260 -1.55 14.32 -6.62
CA GLY A 260 -0.86 15.07 -5.58
C GLY A 260 0.21 14.21 -4.97
N ILE A 261 0.54 14.43 -3.71
CA ILE A 261 1.68 13.78 -3.12
C ILE A 261 1.37 13.42 -1.70
N PHE A 262 1.87 12.27 -1.30
CA PHE A 262 1.74 11.77 0.06
C PHE A 262 3.11 11.55 0.61
N LEU A 263 3.35 12.02 1.84
CA LEU A 263 4.66 11.89 2.46
C LEU A 263 4.63 11.44 3.92
N TYR A 264 5.50 10.47 4.23
CA TYR A 264 5.91 10.15 5.62
C TYR A 264 7.42 10.05 5.55
N PRO A 265 8.08 11.20 5.54
CA PRO A 265 9.51 11.23 5.30
C PRO A 265 10.22 10.90 6.61
N ALA A 266 11.53 10.75 6.60
CA ALA A 266 12.30 10.64 7.85
C ALA A 266 12.19 11.94 8.62
N ASN A 267 12.23 11.87 9.94
CA ASN A 267 12.29 13.08 10.75
C ASN A 267 13.13 12.75 11.99
N GLN A 268 13.45 13.75 12.80
CA GLN A 268 14.33 13.55 13.95
C GLN A 268 13.78 12.45 14.89
N LYS A 269 12.46 12.36 15.03
CA LYS A 269 11.81 11.35 15.86
C LYS A 269 11.94 9.97 15.25
N SER A 270 11.63 9.88 13.95
CA SER A 270 11.70 8.64 13.18
C SER A 270 12.73 8.75 12.02
N PRO A 271 14.01 8.56 12.32
CA PRO A 271 15.09 8.79 11.35
C PRO A 271 15.03 7.90 10.08
N LYS A 272 14.34 6.76 10.18
CA LYS A 272 14.08 5.86 9.05
C LYS A 272 12.61 5.90 8.57
N GLY A 273 11.88 6.92 8.98
CA GLY A 273 10.48 6.98 8.65
C GLY A 273 9.72 6.04 9.54
N LYS A 274 8.41 5.95 9.34
CA LYS A 274 7.60 5.16 10.23
C LYS A 274 7.08 3.91 9.55
N LEU A 275 6.69 4.08 8.27
CA LEU A 275 6.03 3.03 7.53
C LEU A 275 7.02 1.93 7.14
N ARG A 276 6.45 0.73 7.08
CA ARG A 276 7.17 -0.52 6.97
C ARG A 276 7.42 -0.91 5.53
N LEU A 277 8.67 -1.24 5.24
CA LEU A 277 9.07 -1.46 3.85
C LEU A 277 8.35 -2.65 3.22
N LEU A 278 8.42 -3.81 3.85
CA LEU A 278 7.92 -5.01 3.16
C LEU A 278 6.42 -5.02 2.83
N TYR A 279 5.60 -4.51 3.73
CA TYR A 279 4.15 -4.73 3.63
C TYR A 279 3.31 -3.47 3.75
N GLU A 280 3.96 -2.31 3.69
CA GLU A 280 3.26 -1.06 3.53
C GLU A 280 3.85 -0.31 2.36
N CYS A 281 5.13 0.08 2.47
CA CYS A 281 5.72 0.91 1.40
C CYS A 281 5.88 0.18 0.12
N ASN A 282 6.43 -1.02 0.12
CA ASN A 282 6.63 -1.64 -1.18
C ASN A 282 5.30 -1.89 -1.92
N PRO A 283 4.30 -2.45 -1.25
CA PRO A 283 3.03 -2.69 -2.00
C PRO A 283 2.50 -1.38 -2.56
N VAL A 284 2.40 -0.31 -1.78
CA VAL A 284 1.75 0.89 -2.35
C VAL A 284 2.63 1.57 -3.42
N ALA A 285 3.95 1.40 -3.31
CA ALA A 285 4.88 1.88 -4.30
C ALA A 285 4.67 1.15 -5.61
N TYR A 286 4.44 -0.14 -5.52
CA TYR A 286 4.21 -0.90 -6.74
C TYR A 286 2.90 -0.44 -7.41
N ILE A 287 1.86 -0.26 -6.65
CA ILE A 287 0.57 0.18 -7.19
C ILE A 287 0.72 1.54 -7.82
N ILE A 288 1.37 2.42 -7.09
CA ILE A 288 1.44 3.81 -7.52
C ILE A 288 2.28 3.88 -8.78
N GLU A 289 3.36 3.10 -8.90
CA GLU A 289 4.23 3.17 -10.09
C GLU A 289 3.46 2.57 -11.29
N GLN A 290 2.65 1.54 -11.01
CA GLN A 290 1.85 0.89 -12.07
C GLN A 290 0.75 1.83 -12.56
N ALA A 291 0.41 2.84 -11.77
CA ALA A 291 -0.54 3.89 -12.22
C ALA A 291 0.16 5.12 -12.83
N GLY A 292 1.46 5.09 -13.00
CA GLY A 292 2.15 6.19 -13.67
C GLY A 292 2.75 7.16 -12.67
N GLY A 293 2.77 6.79 -11.39
CA GLY A 293 3.32 7.66 -10.35
C GLY A 293 4.76 7.34 -9.98
N LEU A 294 5.27 7.99 -8.93
CA LEU A 294 6.59 7.69 -8.40
C LEU A 294 6.50 7.45 -6.87
N ALA A 295 7.43 6.66 -6.36
CA ALA A 295 7.56 6.44 -4.91
C ALA A 295 9.04 6.31 -4.55
N THR A 296 9.46 7.17 -3.64
CA THR A 296 10.85 7.31 -3.26
C THR A 296 10.98 7.40 -1.75
N THR A 297 12.15 7.01 -1.27
CA THR A 297 12.55 7.29 0.09
C THR A 297 13.15 8.67 0.27
N GLY A 298 13.44 9.36 -0.83
CA GLY A 298 14.16 10.63 -0.72
C GLY A 298 15.49 10.50 -1.39
N THR A 299 16.05 9.30 -1.31
CA THR A 299 17.36 9.02 -1.88
C THR A 299 17.34 7.93 -2.93
N GLN A 300 16.29 7.11 -2.98
CA GLN A 300 16.14 6.13 -4.05
C GLN A 300 14.69 5.63 -4.18
N PRO A 301 14.35 4.99 -5.32
CA PRO A 301 12.99 4.43 -5.48
C PRO A 301 12.75 3.40 -4.41
N VAL A 302 11.55 3.41 -3.83
CA VAL A 302 11.20 2.45 -2.79
C VAL A 302 11.41 1.03 -3.21
N LEU A 303 11.02 0.72 -4.46
CA LEU A 303 11.09 -0.65 -4.97
C LEU A 303 12.52 -1.14 -5.24
N ASP A 304 13.51 -0.24 -5.20
CA ASP A 304 14.90 -0.62 -5.37
C ASP A 304 15.59 -0.78 -4.02
N VAL A 305 14.92 -0.48 -2.91
CA VAL A 305 15.57 -0.64 -1.61
C VAL A 305 15.76 -2.11 -1.35
N LYS A 306 16.98 -2.53 -1.01
CA LYS A 306 17.24 -3.95 -0.69
C LYS A 306 16.96 -4.17 0.80
N PRO A 307 15.95 -4.98 1.13
CA PRO A 307 15.59 -4.94 2.56
C PRO A 307 16.66 -5.59 3.48
N GLU A 308 16.89 -5.00 4.64
CA GLU A 308 17.87 -5.53 5.56
C GLU A 308 17.21 -6.27 6.74
N ALA A 309 15.88 -6.09 6.94
CA ALA A 309 15.10 -6.88 7.93
C ALA A 309 13.62 -6.90 7.55
N ILE A 310 12.86 -7.86 8.05
CA ILE A 310 11.47 -7.96 7.59
C ILE A 310 10.58 -6.84 8.08
N HIS A 311 10.94 -6.19 9.20
CA HIS A 311 10.08 -5.14 9.79
C HIS A 311 10.73 -3.77 9.67
N GLN A 312 11.71 -3.70 8.78
CA GLN A 312 12.40 -2.49 8.43
C GLN A 312 11.44 -1.40 8.00
N ARG A 313 11.69 -0.21 8.51
CA ARG A 313 10.96 1.01 8.13
C ARG A 313 11.73 1.75 7.03
N VAL A 314 11.04 2.50 6.18
CA VAL A 314 11.70 3.42 5.28
C VAL A 314 10.82 4.66 5.17
N PRO A 315 11.44 5.79 4.91
CA PRO A 315 10.70 6.97 4.46
C PRO A 315 9.89 6.69 3.19
N LEU A 316 8.79 7.41 3.02
CA LEU A 316 7.94 7.18 1.84
C LEU A 316 7.40 8.50 1.35
N ILE A 317 7.70 8.78 0.09
CA ILE A 317 7.14 9.93 -0.64
C ILE A 317 6.64 9.44 -1.97
N LEU A 318 5.35 9.59 -2.24
CA LEU A 318 4.79 9.01 -3.46
C LEU A 318 3.67 9.86 -4.03
N GLY A 319 3.35 9.58 -5.28
CA GLY A 319 2.23 10.27 -5.92
C GLY A 319 2.53 10.63 -7.35
N SER A 320 1.91 11.71 -7.77
CA SER A 320 2.08 12.28 -9.10
C SER A 320 3.56 12.51 -9.37
N PRO A 321 4.02 12.15 -10.56
CA PRO A 321 5.44 12.13 -10.78
C PRO A 321 5.98 13.53 -10.73
N GLU A 322 5.30 14.54 -11.26
CA GLU A 322 5.95 15.84 -11.25
C GLU A 322 6.07 16.37 -9.83
N ASP A 323 5.16 15.94 -8.97
CA ASP A 323 5.17 16.37 -7.56
C ASP A 323 6.30 15.74 -6.78
N VAL A 324 6.38 14.42 -6.93
CA VAL A 324 7.51 13.69 -6.32
C VAL A 324 8.86 14.22 -6.86
N GLN A 325 8.90 14.58 -8.13
CA GLN A 325 10.17 15.00 -8.72
C GLN A 325 10.58 16.33 -8.11
N GLU A 326 9.57 17.15 -7.83
CA GLU A 326 9.80 18.46 -7.20
C GLU A 326 10.33 18.24 -5.78
N TYR A 327 9.77 17.26 -5.07
CA TYR A 327 10.26 16.96 -3.75
C TYR A 327 11.71 16.52 -3.84
N LEU A 328 12.04 15.74 -4.88
CA LEU A 328 13.37 15.19 -5.01
C LEU A 328 14.39 16.27 -5.29
N THR A 329 13.92 17.32 -5.96
CA THR A 329 14.79 18.49 -6.20
C THR A 329 15.14 19.17 -4.88
N CYS A 330 14.19 19.31 -3.96
CA CYS A 330 14.50 19.87 -2.63
C CYS A 330 15.51 19.03 -1.86
N VAL A 331 15.45 17.73 -2.01
CA VAL A 331 16.41 16.83 -1.37
C VAL A 331 17.84 17.04 -1.89
N GLN A 332 17.98 17.04 -3.19
CA GLN A 332 19.30 17.01 -3.82
C GLN A 332 19.99 18.32 -3.57
N LYS A 333 19.18 19.37 -3.51
CA LYS A 333 19.70 20.70 -3.25
C LYS A 333 20.09 20.90 -1.77
N ASN A 334 19.58 20.07 -0.87
CA ASN A 334 19.99 20.16 0.53
C ASN A 334 21.04 19.10 0.90
O1 F6P B . 0.92 2.11 9.69
C1 F6P B . 0.74 3.02 10.76
C2 F6P B . -0.11 4.23 10.42
O2 F6P B . -1.37 4.08 11.09
C3 F6P B . -0.41 4.52 8.94
O3 F6P B . -1.65 4.03 8.55
C4 F6P B . -0.41 6.04 8.87
O4 F6P B . -0.05 6.44 7.58
C5 F6P B . 0.56 6.44 9.96
O5 F6P B . 0.52 5.42 10.94
C6 F6P B . 0.22 7.80 10.58
O6 F6P B . 1.09 8.02 11.65
P F6P B . 1.20 9.51 12.29
O1P F6P B . 0.92 10.59 11.26
O2P F6P B . 2.66 9.60 12.80
O3P F6P B . 0.12 9.56 13.39
HO1 F6P B . 0.43 2.44 8.91
H11 F6P B . 0.28 2.48 11.59
H12 F6P B . 1.72 3.34 11.09
HO2 F6P B . -2.09 4.18 10.44
H3 F6P B . 0.39 4.12 8.32
HO3 F6P B . -2.24 4.77 8.32
H4 F6P B . -1.40 6.39 9.12
HO4 F6P B . 0.79 6.95 7.62
H5 F6P B . 1.56 6.50 9.53
H61 F6P B . -0.81 7.80 10.94
H62 F6P B . 0.32 8.58 9.83
#